data_6XQK
#
_entry.id   6XQK
#
_cell.length_a   56.824
_cell.length_b   52.134
_cell.length_c   68.832
_cell.angle_alpha   90.000
_cell.angle_beta   109.700
_cell.angle_gamma   90.000
#
_symmetry.space_group_name_H-M   'P 1 21 1'
#
loop_
_entity.id
_entity.type
_entity.pdbx_description
1 polymer 'cAMP-dependent protein kinase regulatory subunit'
2 non-polymer GLYCEROL
3 non-polymer 'CHLORIDE ION'
4 water water
#
_entity_poly.entity_id   1
_entity_poly.type   'polypeptide(L)'
_entity_poly.pdbx_seq_one_letter_code
;AMVSSLPKESQAELQLFQNEINAANPSDFLQFSANYFNKRLEQQRAFLKAR
;
_entity_poly.pdbx_strand_id   A,B,C,D,E,F,G,H
#
# COMPACT_ATOMS: atom_id res chain seq x y z
N SER A 5 14.10 -1.63 -16.51
CA SER A 5 15.36 -0.97 -16.92
C SER A 5 16.35 -0.68 -15.74
N LEU A 6 16.01 -1.18 -14.52
CA LEU A 6 16.72 -1.07 -13.23
C LEU A 6 18.24 -1.16 -13.28
N PRO A 7 18.94 -0.52 -12.33
CA PRO A 7 20.39 -0.71 -12.22
C PRO A 7 20.76 -2.19 -11.98
N LYS A 8 22.01 -2.53 -12.27
CA LYS A 8 22.51 -3.88 -12.11
C LYS A 8 22.40 -4.40 -10.68
N GLU A 9 22.73 -3.60 -9.65
CA GLU A 9 22.62 -4.04 -8.25
C GLU A 9 21.18 -4.35 -7.86
N SER A 10 20.23 -3.53 -8.35
CA SER A 10 18.80 -3.73 -8.12
C SER A 10 18.28 -5.01 -8.79
N GLN A 11 18.72 -5.27 -10.03
CA GLN A 11 18.34 -6.49 -10.73
C GLN A 11 18.89 -7.72 -10.03
N ALA A 12 20.12 -7.62 -9.48
CA ALA A 12 20.76 -8.73 -8.75
C ALA A 12 20.00 -9.05 -7.48
N GLU A 13 19.64 -8.01 -6.68
CA GLU A 13 18.87 -8.21 -5.45
C GLU A 13 17.45 -8.73 -5.72
N LEU A 14 16.86 -8.28 -6.82
CA LEU A 14 15.54 -8.74 -7.20
C LEU A 14 15.59 -10.20 -7.68
N GLN A 15 16.65 -10.58 -8.41
CA GLN A 15 16.83 -11.96 -8.88
C GLN A 15 17.07 -12.91 -7.70
N LEU A 16 17.81 -12.47 -6.68
CA LEU A 16 18.06 -13.26 -5.49
C LEU A 16 16.75 -13.49 -4.71
N PHE A 17 15.93 -12.45 -4.62
CA PHE A 17 14.63 -12.50 -3.94
C PHE A 17 13.67 -13.43 -4.69
N GLN A 18 13.54 -13.26 -6.01
CA GLN A 18 12.67 -14.10 -6.83
C GLN A 18 13.09 -15.57 -6.74
N ASN A 19 14.40 -15.85 -6.64
CA ASN A 19 14.92 -17.20 -6.51
C ASN A 19 14.51 -17.80 -5.16
N GLU A 20 14.54 -16.99 -4.09
CA GLU A 20 14.14 -17.41 -2.76
C GLU A 20 12.65 -17.73 -2.67
N ILE A 21 11.81 -16.91 -3.32
CA ILE A 21 10.37 -17.10 -3.37
C ILE A 21 10.05 -18.39 -4.10
N ASN A 22 10.71 -18.63 -5.25
CA ASN A 22 10.48 -19.86 -6.03
C ASN A 22 11.00 -21.10 -5.34
N ALA A 23 12.09 -20.98 -4.55
CA ALA A 23 12.64 -22.12 -3.82
C ALA A 23 11.81 -22.46 -2.59
N ALA A 24 11.30 -21.45 -1.86
CA ALA A 24 10.57 -21.72 -0.64
C ALA A 24 9.07 -21.86 -0.83
N ASN A 25 8.48 -21.16 -1.83
CA ASN A 25 7.03 -21.05 -2.09
C ASN A 25 6.26 -20.83 -0.76
N PRO A 26 6.55 -19.71 -0.06
CA PRO A 26 5.95 -19.50 1.26
C PRO A 26 4.43 -19.48 1.27
N SER A 27 3.86 -20.00 2.35
CA SER A 27 2.41 -19.95 2.60
C SER A 27 2.00 -18.49 2.97
N ASP A 28 2.94 -17.72 3.57
CA ASP A 28 2.73 -16.33 3.90
C ASP A 28 3.78 -15.52 3.13
N PHE A 29 3.46 -15.13 1.90
CA PHE A 29 4.35 -14.36 1.03
C PHE A 29 4.85 -13.08 1.70
N LEU A 30 3.96 -12.24 2.25
CA LEU A 30 4.36 -10.98 2.87
C LEU A 30 5.29 -11.17 4.07
N GLN A 31 5.00 -12.14 4.94
CA GLN A 31 5.87 -12.39 6.11
C GLN A 31 7.23 -12.91 5.70
N PHE A 32 7.28 -13.82 4.73
CA PHE A 32 8.54 -14.35 4.23
C PHE A 32 9.37 -13.23 3.59
N SER A 33 8.72 -12.38 2.77
CA SER A 33 9.39 -11.31 2.07
C SER A 33 9.91 -10.23 3.01
N ALA A 34 9.13 -9.85 4.04
CA ALA A 34 9.59 -8.89 5.03
C ALA A 34 10.78 -9.49 5.80
N ASN A 35 10.69 -10.76 6.22
CA ASN A 35 11.79 -11.40 6.92
C ASN A 35 13.05 -11.47 6.07
N TYR A 36 12.90 -11.74 4.76
CA TYR A 36 14.02 -11.82 3.83
C TYR A 36 14.78 -10.45 3.70
N PHE A 37 14.03 -9.37 3.46
CA PHE A 37 14.61 -8.04 3.27
C PHE A 37 15.16 -7.46 4.55
N ASN A 38 14.53 -7.75 5.68
CA ASN A 38 15.03 -7.33 6.98
C ASN A 38 16.35 -8.07 7.28
N LYS A 39 16.49 -9.34 6.82
CA LYS A 39 17.72 -10.11 7.01
C LYS A 39 18.81 -9.62 6.05
N ARG A 40 18.46 -9.23 4.81
CA ARG A 40 19.47 -8.68 3.88
C ARG A 40 20.06 -7.38 4.43
N LEU A 41 19.22 -6.56 5.05
CA LEU A 41 19.66 -5.33 5.70
C LEU A 41 20.56 -5.68 6.88
N GLU A 42 20.18 -6.68 7.68
CA GLU A 42 20.93 -7.12 8.85
C GLU A 42 22.32 -7.57 8.45
N GLN A 43 22.43 -8.31 7.34
CA GLN A 43 23.71 -8.76 6.79
C GLN A 43 24.62 -7.59 6.42
N GLN A 44 24.09 -6.59 5.72
CA GLN A 44 24.87 -5.39 5.34
C GLN A 44 25.22 -4.51 6.58
N ARG A 45 24.32 -4.49 7.61
CA ARG A 45 24.55 -3.76 8.87
C ARG A 45 25.81 -4.31 9.59
N ALA A 46 26.07 -5.63 9.52
CA ALA A 46 27.26 -6.19 10.14
C ALA A 46 28.53 -5.60 9.51
N PHE A 47 28.52 -5.38 8.18
CA PHE A 47 29.67 -4.78 7.51
C PHE A 47 29.84 -3.30 7.93
N LEU A 48 28.73 -2.56 7.96
CA LEU A 48 28.70 -1.15 8.32
C LEU A 48 29.11 -0.88 9.78
N LYS A 49 28.80 -1.81 10.68
CA LYS A 49 29.15 -1.68 12.12
C LYS A 49 30.59 -2.05 12.41
N ALA A 50 31.19 -2.90 11.57
CA ALA A 50 32.53 -3.42 11.79
C ALA A 50 33.58 -2.34 11.84
N ARG A 51 34.61 -2.54 12.69
CA ARG A 51 35.76 -1.64 12.86
C ARG A 51 36.52 -1.56 11.53
N PRO B 7 1.34 -19.68 -6.42
CA PRO B 7 -0.07 -19.36 -6.13
C PRO B 7 -0.48 -17.99 -6.64
N LYS B 8 -1.78 -17.80 -6.88
CA LYS B 8 -2.24 -16.54 -7.43
C LYS B 8 -2.05 -15.35 -6.47
N GLU B 9 -2.22 -15.55 -5.16
CA GLU B 9 -2.00 -14.45 -4.20
C GLU B 9 -0.53 -14.03 -4.18
N SER B 10 0.39 -15.01 -4.28
CA SER B 10 1.84 -14.79 -4.31
C SER B 10 2.24 -14.06 -5.57
N GLN B 11 1.68 -14.47 -6.73
CA GLN B 11 1.98 -13.81 -7.99
C GLN B 11 1.51 -12.35 -7.96
N ALA B 12 0.33 -12.10 -7.36
CA ALA B 12 -0.21 -10.75 -7.25
C ALA B 12 0.67 -9.88 -6.35
N GLU B 13 1.09 -10.39 -5.18
CA GLU B 13 1.96 -9.62 -4.27
C GLU B 13 3.36 -9.38 -4.86
N LEU B 14 3.86 -10.34 -5.65
CA LEU B 14 5.15 -10.18 -6.30
C LEU B 14 5.02 -9.14 -7.44
N GLN B 15 3.91 -9.16 -8.19
CA GLN B 15 3.67 -8.20 -9.25
C GLN B 15 3.50 -6.78 -8.69
N LEU B 16 2.86 -6.65 -7.53
CA LEU B 16 2.69 -5.34 -6.88
C LEU B 16 4.05 -4.77 -6.46
N PHE B 17 4.92 -5.64 -5.91
CA PHE B 17 6.25 -5.28 -5.46
C PHE B 17 7.11 -4.87 -6.65
N GLN B 18 7.14 -5.69 -7.72
CA GLN B 18 7.90 -5.39 -8.92
C GLN B 18 7.45 -4.07 -9.56
N ASN B 19 6.14 -3.77 -9.51
CA ASN B 19 5.59 -2.52 -10.03
C ASN B 19 6.11 -1.32 -9.23
N GLU B 20 6.17 -1.46 -7.90
CA GLU B 20 6.68 -0.44 -6.99
C GLU B 20 8.17 -0.16 -7.22
N ILE B 21 8.97 -1.21 -7.41
CA ILE B 21 10.40 -1.11 -7.67
C ILE B 21 10.62 -0.39 -9.00
N ASN B 22 9.86 -0.75 -10.05
CA ASN B 22 10.02 -0.10 -11.35
C ASN B 22 9.55 1.34 -11.35
N ALA B 23 8.53 1.66 -10.53
CA ALA B 23 8.00 3.02 -10.47
C ALA B 23 8.94 3.94 -9.66
N ALA B 24 9.53 3.43 -8.56
CA ALA B 24 10.35 4.25 -7.70
C ALA B 24 11.83 4.25 -8.06
N ASN B 25 12.33 3.11 -8.57
CA ASN B 25 13.76 2.84 -8.88
C ASN B 25 14.65 3.32 -7.72
N PRO B 26 14.43 2.72 -6.52
CA PRO B 26 15.12 3.23 -5.32
C PRO B 26 16.63 3.24 -5.38
N SER B 27 17.16 4.26 -4.72
CA SER B 27 18.59 4.50 -4.49
C SER B 27 19.14 3.44 -3.52
N ASP B 28 18.29 2.96 -2.61
CA ASP B 28 18.60 1.93 -1.62
C ASP B 28 17.53 0.84 -1.81
N PHE B 29 17.80 -0.14 -2.70
CA PHE B 29 16.88 -1.21 -2.98
C PHE B 29 16.45 -1.98 -1.72
N LEU B 30 17.42 -2.42 -0.89
CA LEU B 30 17.11 -3.19 0.31
C LEU B 30 16.24 -2.45 1.29
N GLN B 31 16.55 -1.14 1.55
CA GLN B 31 15.79 -0.35 2.51
C GLN B 31 14.39 -0.11 2.00
N PHE B 32 14.23 0.17 0.70
CA PHE B 32 12.92 0.40 0.09
C PHE B 32 12.09 -0.85 0.18
N SER B 33 12.69 -2.02 -0.15
CA SER B 33 12.00 -3.30 -0.14
C SER B 33 11.58 -3.73 1.25
N ALA B 34 12.45 -3.55 2.25
CA ALA B 34 12.11 -3.88 3.64
C ALA B 34 10.98 -2.94 4.11
N ASN B 35 11.06 -1.64 3.79
CA ASN B 35 10.01 -0.69 4.16
C ASN B 35 8.69 -1.05 3.53
N TYR B 36 8.71 -1.45 2.26
CA TYR B 36 7.52 -1.87 1.51
C TYR B 36 6.81 -3.07 2.16
N PHE B 37 7.56 -4.14 2.44
CA PHE B 37 6.99 -5.36 3.00
C PHE B 37 6.54 -5.17 4.44
N ASN B 38 7.27 -4.37 5.21
CA ASN B 38 6.88 -4.08 6.59
C ASN B 38 5.60 -3.29 6.60
N LYS B 39 5.40 -2.39 5.60
CA LYS B 39 4.19 -1.60 5.49
C LYS B 39 3.03 -2.48 4.99
N ARG B 40 3.28 -3.44 4.05
CA ARG B 40 2.21 -4.35 3.60
C ARG B 40 1.70 -5.19 4.77
N LEU B 41 2.59 -5.61 5.68
CA LEU B 41 2.23 -6.35 6.86
C LEU B 41 1.42 -5.46 7.80
N GLU B 42 1.82 -4.21 7.97
CA GLU B 42 1.14 -3.24 8.81
C GLU B 42 -0.29 -3.01 8.31
N GLN B 43 -0.46 -2.88 7.00
CA GLN B 43 -1.78 -2.72 6.38
C GLN B 43 -2.68 -3.95 6.65
N GLN B 44 -2.15 -5.16 6.48
CA GLN B 44 -2.92 -6.37 6.75
C GLN B 44 -3.19 -6.56 8.23
N ARG B 45 -2.29 -6.11 9.12
CA ARG B 45 -2.51 -6.18 10.57
C ARG B 45 -3.76 -5.39 10.98
N ALA B 46 -3.98 -4.21 10.40
CA ALA B 46 -5.16 -3.41 10.70
C ALA B 46 -6.47 -4.15 10.38
N PHE B 47 -6.49 -4.89 9.26
CA PHE B 47 -7.66 -5.65 8.85
C PHE B 47 -7.85 -6.87 9.76
N LEU B 48 -6.74 -7.57 10.06
CA LEU B 48 -6.74 -8.78 10.91
C LEU B 48 -7.10 -8.52 12.36
N LYS B 49 -6.82 -7.31 12.87
CA LYS B 49 -7.17 -6.96 14.26
C LYS B 49 -8.65 -6.52 14.33
N GLU C 9 25.37 2.86 25.47
CA GLU C 9 24.67 3.04 24.20
C GLU C 9 23.32 2.31 24.22
N SER C 10 23.29 1.10 24.78
CA SER C 10 22.07 0.29 24.90
C SER C 10 21.09 0.95 25.88
N GLN C 11 21.59 1.49 27.02
CA GLN C 11 20.72 2.17 27.96
C GLN C 11 20.16 3.45 27.34
N ALA C 12 20.96 4.15 26.52
CA ALA C 12 20.50 5.37 25.87
C ALA C 12 19.41 5.03 24.81
N GLU C 13 19.61 3.96 24.00
CA GLU C 13 18.60 3.56 23.02
C GLU C 13 17.32 3.01 23.67
N LEU C 14 17.47 2.38 24.83
CA LEU C 14 16.31 1.87 25.56
C LEU C 14 15.54 3.05 26.18
N GLN C 15 16.27 4.07 26.69
CA GLN C 15 15.66 5.26 27.26
C GLN C 15 14.94 6.06 26.17
N LEU C 16 15.50 6.15 24.98
CA LEU C 16 14.86 6.86 23.87
C LEU C 16 13.55 6.16 23.47
N PHE C 17 13.57 4.82 23.43
CA PHE C 17 12.40 4.01 23.10
C PHE C 17 11.32 4.17 24.16
N GLN C 18 11.65 4.02 25.45
CA GLN C 18 10.70 4.20 26.54
C GLN C 18 10.08 5.60 26.52
N ASN C 19 10.88 6.61 26.16
CA ASN C 19 10.41 7.99 26.07
C ASN C 19 9.42 8.15 24.94
N GLU C 20 9.66 7.48 23.79
CA GLU C 20 8.78 7.49 22.63
C GLU C 20 7.45 6.82 22.92
N ILE C 21 7.48 5.70 23.67
CA ILE C 21 6.28 4.97 24.06
C ILE C 21 5.44 5.84 24.97
N ASN C 22 6.07 6.52 25.94
CA ASN C 22 5.33 7.40 26.87
C ASN C 22 4.82 8.67 26.20
N ALA C 23 5.52 9.16 25.17
CA ALA C 23 5.09 10.35 24.45
C ALA C 23 3.96 10.04 23.47
N ALA C 24 3.98 8.88 22.81
CA ALA C 24 2.95 8.55 21.83
C ALA C 24 1.79 7.76 22.40
N ASN C 25 2.03 6.92 23.42
CA ASN C 25 1.06 5.98 24.04
C ASN C 25 0.26 5.24 22.94
N PRO C 26 0.97 4.48 22.09
CA PRO C 26 0.30 3.87 20.94
C PRO C 26 -0.85 2.93 21.26
N SER C 27 -1.88 2.92 20.41
CA SER C 27 -2.98 1.94 20.59
C SER C 27 -2.52 0.55 20.09
N ASP C 28 -1.49 0.49 19.23
CA ASP C 28 -0.89 -0.75 18.78
C ASP C 28 0.60 -0.68 19.19
N PHE C 29 0.90 -1.15 20.41
CA PHE C 29 2.26 -1.14 20.96
C PHE C 29 3.25 -1.90 20.07
N LEU C 30 2.91 -3.12 19.66
CA LEU C 30 3.82 -3.92 18.84
C LEU C 30 4.13 -3.29 17.50
N GLN C 31 3.12 -2.73 16.81
CA GLN C 31 3.32 -2.12 15.51
C GLN C 31 4.16 -0.85 15.63
N PHE C 32 3.88 -0.04 16.68
CA PHE C 32 4.65 1.18 16.91
C PHE C 32 6.11 0.85 17.20
N SER C 33 6.34 -0.15 18.06
CA SER C 33 7.67 -0.56 18.46
C SER C 33 8.48 -1.13 17.32
N ALA C 34 7.86 -1.96 16.48
CA ALA C 34 8.54 -2.53 15.32
C ALA C 34 8.89 -1.40 14.36
N ASN C 35 7.94 -0.47 14.09
CA ASN C 35 8.19 0.67 13.20
C ASN C 35 9.31 1.52 13.72
N TYR C 36 9.34 1.77 15.03
CA TYR C 36 10.37 2.59 15.69
C TYR C 36 11.77 2.01 15.49
N PHE C 37 11.96 0.71 15.80
CA PHE C 37 13.26 0.07 15.70
C PHE C 37 13.70 -0.12 14.26
N ASN C 38 12.77 -0.39 13.35
CA ASN C 38 13.09 -0.49 11.93
C ASN C 38 13.54 0.86 11.39
N LYS C 39 12.97 1.95 11.91
CA LYS C 39 13.34 3.30 11.51
C LYS C 39 14.66 3.69 12.14
N ARG C 40 14.94 3.29 13.38
CA ARG C 40 16.25 3.58 14.03
C ARG C 40 17.37 2.87 13.26
N LEU C 41 17.11 1.66 12.76
CA LEU C 41 18.09 0.93 11.95
C LEU C 41 18.30 1.65 10.63
N GLU C 42 17.21 2.12 10.01
CA GLU C 42 17.25 2.85 8.75
C GLU C 42 18.12 4.10 8.89
N GLN C 43 17.91 4.84 10.00
CA GLN C 43 18.66 6.05 10.28
C GLN C 43 20.15 5.78 10.46
N GLN C 44 20.51 4.70 11.22
CA GLN C 44 21.89 4.36 11.44
C GLN C 44 22.54 3.85 10.17
N ARG C 45 21.81 3.11 9.33
CA ARG C 45 22.35 2.61 8.07
C ARG C 45 22.86 3.78 7.19
N ALA C 46 22.06 4.86 7.11
CA ALA C 46 22.43 6.01 6.28
C ALA C 46 23.72 6.66 6.74
N PHE C 47 23.91 6.75 8.03
CA PHE C 47 25.06 7.37 8.63
C PHE C 47 26.28 6.47 8.48
N LEU C 48 26.12 5.17 8.69
CA LEU C 48 27.20 4.21 8.55
C LEU C 48 27.69 4.03 7.08
N LYS C 49 26.77 4.12 6.09
CA LYS C 49 27.10 4.00 4.66
C LYS C 49 27.82 5.26 4.19
N PRO D 7 -1.32 1.33 29.07
CA PRO D 7 -2.25 0.20 29.15
C PRO D 7 -1.61 -1.09 29.63
N LYS D 8 -2.41 -2.02 30.15
CA LYS D 8 -1.88 -3.27 30.71
C LYS D 8 -1.18 -4.12 29.66
N GLU D 9 -1.74 -4.22 28.45
CA GLU D 9 -1.13 -5.01 27.38
C GLU D 9 0.20 -4.40 26.95
N SER D 10 0.28 -3.05 26.88
CA SER D 10 1.48 -2.32 26.52
C SER D 10 2.56 -2.46 27.60
N GLN D 11 2.17 -2.39 28.87
CA GLN D 11 3.12 -2.56 29.97
C GLN D 11 3.67 -3.99 29.97
N ALA D 12 2.82 -5.00 29.66
CA ALA D 12 3.24 -6.39 29.60
C ALA D 12 4.22 -6.58 28.44
N GLU D 13 3.94 -6.01 27.23
CA GLU D 13 4.85 -6.14 26.10
C GLU D 13 6.16 -5.39 26.31
N LEU D 14 6.12 -4.26 27.04
CA LEU D 14 7.34 -3.50 27.34
C LEU D 14 8.17 -4.28 28.38
N GLN D 15 7.51 -4.89 29.38
CA GLN D 15 8.18 -5.69 30.40
C GLN D 15 8.80 -6.95 29.76
N LEU D 16 8.12 -7.57 28.78
CA LEU D 16 8.65 -8.74 28.09
C LEU D 16 9.88 -8.37 27.29
N PHE D 17 9.88 -7.17 26.64
CA PHE D 17 10.98 -6.67 25.85
C PHE D 17 12.17 -6.38 26.75
N GLN D 18 11.97 -5.63 27.85
CA GLN D 18 13.04 -5.33 28.82
C GLN D 18 13.64 -6.60 29.41
N ASN D 19 12.82 -7.64 29.64
CA ASN D 19 13.28 -8.93 30.16
C ASN D 19 14.16 -9.64 29.12
N GLU D 20 13.78 -9.57 27.83
CA GLU D 20 14.54 -10.15 26.74
C GLU D 20 15.90 -9.47 26.56
N ILE D 21 15.94 -8.13 26.69
CA ILE D 21 17.17 -7.35 26.59
C ILE D 21 18.11 -7.77 27.71
N ASN D 22 17.60 -7.90 28.94
CA ASN D 22 18.43 -8.30 30.08
C ASN D 22 18.88 -9.75 30.01
N ALA D 23 18.08 -10.61 29.37
CA ALA D 23 18.44 -12.03 29.22
C ALA D 23 19.42 -12.26 28.07
N ALA D 24 19.34 -11.50 27.00
CA ALA D 24 20.25 -11.71 25.86
C ALA D 24 21.49 -10.83 25.89
N ASN D 25 21.34 -9.59 26.44
CA ASN D 25 22.36 -8.53 26.46
C ASN D 25 23.00 -8.38 25.07
N PRO D 26 22.19 -8.06 24.06
CA PRO D 26 22.70 -8.07 22.69
C PRO D 26 23.87 -7.18 22.41
N SER D 27 24.73 -7.69 21.50
CA SER D 27 25.88 -7.01 20.90
C SER D 27 25.41 -5.86 20.02
N ASP D 28 24.24 -6.03 19.39
CA ASP D 28 23.63 -5.03 18.55
C ASP D 28 22.21 -4.81 19.10
N PHE D 29 22.06 -3.84 20.00
CA PHE D 29 20.76 -3.53 20.61
C PHE D 29 19.67 -3.22 19.57
N LEU D 30 19.94 -2.33 18.61
CA LEU D 30 18.93 -1.96 17.61
C LEU D 30 18.50 -3.12 16.73
N GLN D 31 19.46 -3.97 16.29
CA GLN D 31 19.12 -5.11 15.45
C GLN D 31 18.33 -6.15 16.22
N PHE D 32 18.70 -6.38 17.49
CA PHE D 32 18.00 -7.34 18.33
C PHE D 32 16.59 -6.87 18.58
N SER D 33 16.41 -5.56 18.86
CA SER D 33 15.11 -4.96 19.17
C SER D 33 14.20 -4.97 17.98
N ALA D 34 14.72 -4.63 16.79
CA ALA D 34 13.92 -4.67 15.56
C ALA D 34 13.49 -6.11 15.27
N ASN D 35 14.43 -7.08 15.37
CA ASN D 35 14.12 -8.49 15.16
C ASN D 35 13.08 -8.98 16.15
N TYR D 36 13.16 -8.55 17.41
CA TYR D 36 12.23 -8.95 18.47
C TYR D 36 10.81 -8.50 18.17
N PHE D 37 10.62 -7.20 17.83
CA PHE D 37 9.30 -6.66 17.56
C PHE D 37 8.72 -7.16 16.25
N ASN D 38 9.57 -7.38 15.25
CA ASN D 38 9.13 -7.93 13.99
C ASN D 38 8.67 -9.38 14.20
N LYS D 39 9.32 -10.13 15.13
CA LYS D 39 8.95 -11.50 15.44
C LYS D 39 7.68 -11.53 16.31
N ARG D 40 7.50 -10.57 17.23
CA ARG D 40 6.27 -10.51 18.02
C ARG D 40 5.07 -10.23 17.11
N LEU D 41 5.24 -9.39 16.07
CA LEU D 41 4.20 -9.12 15.08
C LEU D 41 3.93 -10.38 14.29
N GLU D 42 4.98 -11.11 13.89
CA GLU D 42 4.86 -12.34 13.12
C GLU D 42 4.07 -13.38 13.91
N GLN D 43 4.33 -13.49 15.21
CA GLN D 43 3.61 -14.42 16.08
C GLN D 43 2.14 -14.03 16.16
N GLN D 44 1.81 -12.73 16.33
CA GLN D 44 0.42 -12.30 16.39
C GLN D 44 -0.29 -12.45 15.05
N ARG D 45 0.43 -12.26 13.93
CA ARG D 45 -0.16 -12.47 12.60
C ARG D 45 -0.65 -13.92 12.43
N ALA D 46 0.13 -14.91 12.90
CA ALA D 46 -0.25 -16.32 12.79
C ALA D 46 -1.53 -16.62 13.56
N PHE D 47 -1.71 -15.99 14.72
CA PHE D 47 -2.90 -16.14 15.56
C PHE D 47 -4.09 -15.46 14.90
N LEU D 48 -3.89 -14.25 14.35
CA LEU D 48 -4.96 -13.50 13.69
C LEU D 48 -5.44 -14.15 12.40
N LYS D 49 -4.53 -14.83 11.67
CA LYS D 49 -4.89 -15.51 10.42
C LYS D 49 -5.63 -16.84 10.69
N ALA D 50 -5.56 -17.38 11.94
CA ALA D 50 -6.17 -18.66 12.37
C ALA D 50 -7.66 -18.58 12.81
N SER E 5 -15.08 7.90 11.79
CA SER E 5 -14.01 6.92 11.86
C SER E 5 -13.98 6.39 13.27
N LEU E 6 -15.11 5.83 13.68
CA LEU E 6 -15.22 5.29 15.01
C LEU E 6 -14.55 3.93 15.14
N PRO E 7 -14.82 2.91 14.28
CA PRO E 7 -14.22 1.59 14.51
C PRO E 7 -12.71 1.60 14.46
N LYS E 8 -12.09 0.60 15.09
CA LYS E 8 -10.64 0.49 15.15
C LYS E 8 -10.01 0.35 13.76
N GLU E 9 -10.62 -0.45 12.87
CA GLU E 9 -10.10 -0.64 11.51
C GLU E 9 -10.16 0.65 10.71
N SER E 10 -11.25 1.42 10.86
CA SER E 10 -11.43 2.71 10.21
C SER E 10 -10.42 3.74 10.72
N GLN E 11 -10.18 3.77 12.04
CA GLN E 11 -9.20 4.69 12.61
C GLN E 11 -7.79 4.36 12.13
N ALA E 12 -7.48 3.06 11.99
CA ALA E 12 -6.18 2.61 11.51
C ALA E 12 -5.98 3.02 10.03
N GLU E 13 -7.00 2.80 9.18
CA GLU E 13 -6.90 3.17 7.77
C GLU E 13 -6.87 4.69 7.59
N LEU E 14 -7.53 5.45 8.46
CA LEU E 14 -7.52 6.90 8.40
C LEU E 14 -6.15 7.42 8.86
N GLN E 15 -5.56 6.79 9.91
CA GLN E 15 -4.23 7.16 10.39
C GLN E 15 -3.15 6.82 9.35
N LEU E 16 -3.29 5.72 8.63
CA LEU E 16 -2.36 5.35 7.57
C LEU E 16 -2.42 6.36 6.42
N PHE E 17 -3.64 6.79 6.06
CA PHE E 17 -3.88 7.77 5.00
C PHE E 17 -3.29 9.13 5.39
N GLN E 18 -3.60 9.63 6.58
CA GLN E 18 -3.03 10.89 7.06
C GLN E 18 -1.50 10.88 7.09
N ASN E 19 -0.91 9.73 7.43
CA ASN E 19 0.54 9.55 7.45
C ASN E 19 1.12 9.63 6.03
N GLU E 20 0.43 9.05 5.05
CA GLU E 20 0.82 9.10 3.65
C GLU E 20 0.76 10.52 3.07
N ILE E 21 -0.28 11.29 3.43
CA ILE E 21 -0.46 12.67 3.01
C ILE E 21 0.70 13.50 3.56
N ASN E 22 1.06 13.31 4.83
CA ASN E 22 2.16 14.07 5.44
C ASN E 22 3.54 13.68 4.90
N ALA E 23 3.69 12.42 4.47
CA ALA E 23 4.96 11.97 3.92
C ALA E 23 5.14 12.41 2.45
N ALA E 24 4.03 12.43 1.66
CA ALA E 24 4.15 12.77 0.25
C ALA E 24 3.91 14.20 -0.07
N ASN E 25 3.09 14.91 0.75
CA ASN E 25 2.66 16.30 0.59
C ASN E 25 2.26 16.58 -0.87
N PRO E 26 1.24 15.85 -1.38
CA PRO E 26 0.90 15.97 -2.80
C PRO E 26 0.49 17.32 -3.29
N SER E 27 0.92 17.66 -4.50
CA SER E 27 0.52 18.91 -5.17
C SER E 27 -0.94 18.79 -5.68
N ASP E 28 -1.43 17.55 -5.89
CA ASP E 28 -2.80 17.28 -6.28
C ASP E 28 -3.37 16.32 -5.19
N PHE E 29 -3.94 16.90 -4.13
CA PHE E 29 -4.49 16.10 -3.03
C PHE E 29 -5.55 15.08 -3.50
N LEU E 30 -6.55 15.50 -4.29
CA LEU E 30 -7.60 14.59 -4.75
C LEU E 30 -7.07 13.42 -5.57
N GLN E 31 -6.13 13.69 -6.49
CA GLN E 31 -5.57 12.62 -7.33
C GLN E 31 -4.77 11.65 -6.49
N PHE E 32 -3.97 12.18 -5.57
CA PHE E 32 -3.16 11.34 -4.67
C PHE E 32 -4.07 10.44 -3.81
N SER E 33 -5.13 11.02 -3.25
CA SER E 33 -6.03 10.31 -2.36
C SER E 33 -6.80 9.24 -3.08
N ALA E 34 -7.29 9.53 -4.29
CA ALA E 34 -8.00 8.52 -5.10
C ALA E 34 -7.04 7.38 -5.44
N ASN E 35 -5.79 7.70 -5.86
CA ASN E 35 -4.78 6.69 -6.18
C ASN E 35 -4.50 5.83 -5.00
N TYR E 36 -4.36 6.44 -3.82
CA TYR E 36 -4.07 5.73 -2.57
C TYR E 36 -5.17 4.70 -2.22
N PHE E 37 -6.44 5.13 -2.21
CA PHE E 37 -7.55 4.27 -1.84
C PHE E 37 -7.82 3.20 -2.87
N ASN E 38 -7.63 3.52 -4.16
CA ASN E 38 -7.78 2.53 -5.22
C ASN E 38 -6.69 1.46 -5.10
N LYS E 39 -5.49 1.85 -4.66
CA LYS E 39 -4.36 0.93 -4.48
C LYS E 39 -4.60 0.09 -3.22
N ARG E 40 -5.16 0.66 -2.14
CA ARG E 40 -5.45 -0.12 -0.93
C ARG E 40 -6.48 -1.21 -1.25
N LEU E 41 -7.45 -0.90 -2.11
CA LEU E 41 -8.46 -1.86 -2.54
C LEU E 41 -7.78 -2.95 -3.37
N GLU E 42 -6.88 -2.55 -4.29
CA GLU E 42 -6.12 -3.46 -5.15
C GLU E 42 -5.32 -4.46 -4.31
N GLN E 43 -4.66 -3.96 -3.24
CA GLN E 43 -3.87 -4.80 -2.35
C GLN E 43 -4.77 -5.84 -1.64
N GLN E 44 -5.90 -5.40 -1.10
CA GLN E 44 -6.81 -6.29 -0.42
C GLN E 44 -7.45 -7.24 -1.40
N ARG E 45 -7.74 -6.83 -2.66
CA ARG E 45 -8.32 -7.71 -3.69
C ARG E 45 -7.46 -8.94 -3.91
N ALA E 46 -6.13 -8.77 -3.98
CA ALA E 46 -5.22 -9.91 -4.18
C ALA E 46 -5.37 -10.97 -3.08
N PHE E 47 -5.48 -10.51 -1.85
CA PHE E 47 -5.61 -11.38 -0.70
C PHE E 47 -7.03 -11.98 -0.61
N LEU E 48 -8.05 -11.20 -0.91
CA LEU E 48 -9.45 -11.65 -0.90
C LEU E 48 -9.79 -12.62 -2.03
N LYS E 49 -9.05 -12.59 -3.15
CA LYS E 49 -9.28 -13.54 -4.24
C LYS E 49 -8.62 -14.89 -3.94
N SER F 5 0.86 20.60 8.58
CA SER F 5 0.11 21.73 8.00
C SER F 5 0.05 21.55 6.46
N LEU F 6 -1.09 21.86 5.85
CA LEU F 6 -1.29 21.56 4.44
C LEU F 6 -1.58 22.77 3.58
N PRO F 7 -1.33 22.69 2.23
CA PRO F 7 -1.84 23.75 1.32
C PRO F 7 -3.34 23.95 1.46
N LYS F 8 -3.87 25.10 1.05
CA LYS F 8 -5.28 25.44 1.20
C LYS F 8 -6.24 24.40 0.59
N GLU F 9 -5.95 23.98 -0.66
CA GLU F 9 -6.80 23.04 -1.37
C GLU F 9 -6.81 21.69 -0.70
N SER F 10 -5.62 21.25 -0.23
CA SER F 10 -5.45 19.97 0.46
C SER F 10 -6.13 19.96 1.82
N GLN F 11 -6.03 21.06 2.58
CA GLN F 11 -6.68 21.12 3.89
C GLN F 11 -8.21 21.10 3.72
N ALA F 12 -8.71 21.78 2.69
CA ALA F 12 -10.13 21.82 2.42
C ALA F 12 -10.66 20.42 2.08
N GLU F 13 -9.95 19.73 1.17
CA GLU F 13 -10.36 18.39 0.75
C GLU F 13 -10.25 17.38 1.86
N LEU F 14 -9.25 17.52 2.74
CA LEU F 14 -9.08 16.62 3.87
C LEU F 14 -10.20 16.83 4.89
N GLN F 15 -10.57 18.09 5.13
CA GLN F 15 -11.65 18.43 6.07
C GLN F 15 -12.99 17.87 5.57
N LEU F 16 -13.23 18.00 4.27
CA LEU F 16 -14.47 17.51 3.68
C LEU F 16 -14.57 15.99 3.78
N PHE F 17 -13.44 15.30 3.55
CA PHE F 17 -13.35 13.85 3.61
C PHE F 17 -13.56 13.37 5.04
N GLN F 18 -12.86 13.97 6.02
CA GLN F 18 -13.03 13.61 7.41
C GLN F 18 -14.47 13.78 7.87
N ASN F 19 -15.15 14.83 7.39
CA ASN F 19 -16.53 15.12 7.73
C ASN F 19 -17.45 14.04 7.18
N GLU F 20 -17.19 13.59 5.95
CA GLU F 20 -17.95 12.52 5.29
C GLU F 20 -17.80 11.18 6.01
N ILE F 21 -16.59 10.86 6.45
CA ILE F 21 -16.30 9.62 7.18
C ILE F 21 -17.04 9.62 8.50
N ASN F 22 -17.00 10.75 9.22
CA ASN F 22 -17.68 10.85 10.51
C ASN F 22 -19.19 10.86 10.37
N ALA F 23 -19.71 11.40 9.25
CA ALA F 23 -21.16 11.44 9.06
C ALA F 23 -21.70 10.08 8.59
N ALA F 24 -20.93 9.35 7.75
CA ALA F 24 -21.44 8.10 7.21
C ALA F 24 -21.05 6.88 8.01
N ASN F 25 -19.88 6.93 8.70
CA ASN F 25 -19.26 5.82 9.44
C ASN F 25 -19.35 4.51 8.65
N PRO F 26 -18.73 4.48 7.46
CA PRO F 26 -18.90 3.32 6.56
C PRO F 26 -18.50 1.99 7.13
N SER F 27 -19.22 0.94 6.78
CA SER F 27 -18.85 -0.42 7.18
C SER F 27 -17.65 -0.91 6.34
N ASP F 28 -17.44 -0.33 5.15
CA ASP F 28 -16.29 -0.60 4.31
C ASP F 28 -15.56 0.74 4.10
N PHE F 29 -14.62 1.07 4.99
CA PHE F 29 -13.89 2.32 4.93
C PHE F 29 -13.16 2.51 3.60
N LEU F 30 -12.39 1.50 3.14
CA LEU F 30 -11.63 1.63 1.90
C LEU F 30 -12.51 1.85 0.68
N GLN F 31 -13.63 1.10 0.57
CA GLN F 31 -14.52 1.23 -0.58
C GLN F 31 -15.22 2.60 -0.58
N PHE F 32 -15.66 3.06 0.60
CA PHE F 32 -16.30 4.36 0.72
C PHE F 32 -15.33 5.48 0.34
N SER F 33 -14.08 5.38 0.83
CA SER F 33 -13.07 6.40 0.59
C SER F 33 -12.65 6.46 -0.86
N ALA F 34 -12.48 5.30 -1.51
CA ALA F 34 -12.12 5.27 -2.93
C ALA F 34 -13.27 5.86 -3.75
N ASN F 35 -14.53 5.48 -3.44
CA ASN F 35 -15.68 6.01 -4.15
C ASN F 35 -15.79 7.52 -3.97
N TYR F 36 -15.53 8.01 -2.77
CA TYR F 36 -15.57 9.43 -2.45
C TYR F 36 -14.57 10.25 -3.31
N PHE F 37 -13.31 9.85 -3.32
CA PHE F 37 -12.27 10.55 -4.04
C PHE F 37 -12.40 10.45 -5.53
N ASN F 38 -12.87 9.31 -6.02
CA ASN F 38 -13.13 9.14 -7.44
C ASN F 38 -14.29 10.05 -7.87
N LYS F 39 -15.29 10.26 -7.00
CA LYS F 39 -16.44 11.13 -7.29
C LYS F 39 -16.02 12.58 -7.21
N ARG F 40 -15.16 12.96 -6.27
CA ARG F 40 -14.66 14.35 -6.18
C ARG F 40 -13.88 14.70 -7.46
N LEU F 41 -13.13 13.74 -8.01
CA LEU F 41 -12.38 13.93 -9.25
C LEU F 41 -13.37 14.09 -10.39
N GLU F 42 -14.39 13.24 -10.43
CA GLU F 42 -15.42 13.27 -11.47
C GLU F 42 -16.12 14.66 -11.52
N GLN F 43 -16.45 15.21 -10.33
CA GLN F 43 -17.06 16.53 -10.21
C GLN F 43 -16.15 17.61 -10.76
N GLN F 44 -14.85 17.58 -10.41
CA GLN F 44 -13.89 18.57 -10.89
C GLN F 44 -13.62 18.39 -12.36
N ARG F 45 -13.65 17.15 -12.89
CA ARG F 45 -13.45 16.89 -14.32
C ARG F 45 -14.48 17.63 -15.17
N ALA F 46 -15.76 17.63 -14.73
CA ALA F 46 -16.79 18.31 -15.47
C ALA F 46 -16.51 19.82 -15.61
N PHE F 47 -16.00 20.43 -14.54
CA PHE F 47 -15.67 21.86 -14.53
C PHE F 47 -14.42 22.12 -15.34
N LEU F 48 -13.39 21.26 -15.24
CA LEU F 48 -12.13 21.42 -15.95
C LEU F 48 -12.28 21.23 -17.46
N LYS F 49 -13.22 20.36 -17.90
CA LYS F 49 -13.49 20.16 -19.32
C LYS F 49 -14.26 21.35 -19.94
N ALA F 50 -14.96 22.13 -19.11
CA ALA F 50 -15.77 23.27 -19.56
C ALA F 50 -14.96 24.57 -19.77
N LEU G 6 -19.78 5.07 -30.09
CA LEU G 6 -20.01 5.65 -31.43
C LEU G 6 -19.14 6.86 -31.79
N PRO G 7 -19.02 7.94 -30.96
CA PRO G 7 -18.21 9.10 -31.39
C PRO G 7 -16.76 8.77 -31.67
N LYS G 8 -16.08 9.61 -32.46
CA LYS G 8 -14.69 9.38 -32.83
C LYS G 8 -13.72 9.32 -31.61
N GLU G 9 -13.92 10.17 -30.60
CA GLU G 9 -13.08 10.19 -29.41
C GLU G 9 -13.25 8.88 -28.64
N SER G 10 -14.51 8.39 -28.52
CA SER G 10 -14.85 7.15 -27.84
C SER G 10 -14.27 5.95 -28.57
N GLN G 11 -14.34 5.94 -29.91
CA GLN G 11 -13.77 4.84 -30.70
C GLN G 11 -12.25 4.78 -30.53
N ALA G 12 -11.61 5.95 -30.46
CA ALA G 12 -10.16 6.03 -30.28
C ALA G 12 -9.76 5.50 -28.90
N GLU G 13 -10.48 5.93 -27.83
CA GLU G 13 -10.19 5.46 -26.48
C GLU G 13 -10.51 3.99 -26.28
N LEU G 14 -11.52 3.47 -26.99
CA LEU G 14 -11.86 2.05 -26.92
C LEU G 14 -10.80 1.23 -27.66
N GLN G 15 -10.30 1.74 -28.81
CA GLN G 15 -9.25 1.06 -29.56
C GLN G 15 -7.93 1.04 -28.76
N LEU G 16 -7.63 2.13 -28.05
CA LEU G 16 -6.42 2.20 -27.23
C LEU G 16 -6.50 1.19 -26.08
N PHE G 17 -7.68 1.07 -25.46
CA PHE G 17 -7.92 0.14 -24.37
C PHE G 17 -7.80 -1.30 -24.86
N GLN G 18 -8.48 -1.66 -25.97
CA GLN G 18 -8.39 -3.00 -26.51
C GLN G 18 -6.95 -3.37 -26.90
N ASN G 19 -6.15 -2.39 -27.38
CA ASN G 19 -4.75 -2.60 -27.73
C ASN G 19 -3.92 -2.89 -26.49
N GLU G 20 -4.21 -2.20 -25.37
CA GLU G 20 -3.54 -2.40 -24.08
C GLU G 20 -3.82 -3.77 -23.49
N ILE G 21 -5.10 -4.22 -23.61
CA ILE G 21 -5.52 -5.53 -23.11
C ILE G 21 -4.77 -6.62 -23.90
N ASN G 22 -4.69 -6.49 -25.24
CA ASN G 22 -4.02 -7.48 -26.07
C ASN G 22 -2.50 -7.46 -25.88
N ALA G 23 -1.92 -6.30 -25.55
CA ALA G 23 -0.49 -6.20 -25.33
C ALA G 23 -0.08 -6.73 -23.95
N ALA G 24 -0.92 -6.51 -22.92
CA ALA G 24 -0.55 -6.93 -21.57
C ALA G 24 -1.08 -8.29 -21.18
N ASN G 25 -2.24 -8.69 -21.74
CA ASN G 25 -2.98 -9.91 -21.43
C ASN G 25 -3.06 -10.13 -19.92
N PRO G 26 -3.70 -9.20 -19.20
CA PRO G 26 -3.70 -9.30 -17.73
C PRO G 26 -4.34 -10.56 -17.16
N SER G 27 -3.75 -11.05 -16.07
CA SER G 27 -4.33 -12.18 -15.32
C SER G 27 -5.56 -11.70 -14.51
N ASP G 28 -5.64 -10.37 -14.21
CA ASP G 28 -6.78 -9.75 -13.54
C ASP G 28 -7.30 -8.67 -14.47
N PHE G 29 -8.21 -9.03 -15.38
CA PHE G 29 -8.78 -8.10 -16.35
C PHE G 29 -9.43 -6.86 -15.69
N LEU G 30 -10.31 -7.07 -14.69
CA LEU G 30 -11.00 -5.96 -14.04
C LEU G 30 -10.06 -4.99 -13.36
N GLN G 31 -9.05 -5.50 -12.63
CA GLN G 31 -8.11 -4.64 -11.93
C GLN G 31 -7.24 -3.86 -12.93
N PHE G 32 -6.78 -4.52 -14.00
CA PHE G 32 -6.00 -3.85 -15.04
C PHE G 32 -6.80 -2.76 -15.71
N SER G 33 -8.07 -3.05 -16.03
CA SER G 33 -8.95 -2.10 -16.72
C SER G 33 -9.29 -0.90 -15.86
N ALA G 34 -9.56 -1.12 -14.57
CA ALA G 34 -9.84 -0.01 -13.66
C ALA G 34 -8.59 0.87 -13.52
N ASN G 35 -7.41 0.25 -13.36
CA ASN G 35 -6.15 0.98 -13.25
C ASN G 35 -5.89 1.81 -14.50
N TYR G 36 -6.17 1.23 -15.68
CA TYR G 36 -5.97 1.87 -16.98
C TYR G 36 -6.82 3.13 -17.11
N PHE G 37 -8.13 3.03 -16.84
CA PHE G 37 -9.04 4.16 -16.99
C PHE G 37 -8.83 5.22 -15.96
N ASN G 38 -8.48 4.82 -14.73
CA ASN G 38 -8.15 5.77 -13.67
C ASN G 38 -6.89 6.56 -14.04
N LYS G 39 -5.93 5.91 -14.72
CA LYS G 39 -4.70 6.54 -15.14
C LYS G 39 -4.95 7.44 -16.33
N ARG G 40 -5.85 7.05 -17.27
CA ARG G 40 -6.19 7.89 -18.42
C ARG G 40 -6.83 9.21 -17.93
N LEU G 41 -7.67 9.12 -16.89
CA LEU G 41 -8.30 10.29 -16.31
C LEU G 41 -7.23 11.17 -15.66
N GLU G 42 -6.31 10.56 -14.92
CA GLU G 42 -5.24 11.25 -14.24
C GLU G 42 -4.36 12.01 -15.24
N GLN G 43 -4.06 11.38 -16.38
CA GLN G 43 -3.26 12.00 -17.43
C GLN G 43 -3.95 13.24 -18.01
N GLN G 44 -5.25 13.13 -18.30
CA GLN G 44 -6.01 14.26 -18.84
C GLN G 44 -6.17 15.35 -17.79
N ARG G 45 -6.35 14.99 -16.51
CA ARG G 45 -6.49 15.96 -15.43
C ARG G 45 -5.24 16.88 -15.34
N ALA G 46 -4.04 16.32 -15.52
CA ALA G 46 -2.82 17.13 -15.48
C ALA G 46 -2.83 18.26 -16.53
N PHE G 47 -3.29 17.92 -17.72
CA PHE G 47 -3.34 18.84 -18.82
C PHE G 47 -4.43 19.88 -18.60
N LEU G 48 -5.61 19.42 -18.17
CA LEU G 48 -6.76 20.29 -17.91
C LEU G 48 -6.58 21.25 -16.75
N LYS G 49 -5.78 20.87 -15.73
CA LYS G 49 -5.53 21.73 -14.59
CA LYS G 49 -5.49 21.68 -14.55
C LYS G 49 -4.51 22.83 -14.89
N ALA G 50 -3.79 22.77 -16.03
CA ALA G 50 -2.82 23.81 -16.38
C ALA G 50 -3.43 25.01 -17.09
N LEU H 6 -7.48 -12.47 -23.99
CA LEU H 6 -7.45 -13.85 -24.46
C LEU H 6 -8.24 -14.83 -23.57
N PRO H 7 -8.10 -14.88 -22.22
CA PRO H 7 -8.89 -15.85 -21.44
C PRO H 7 -10.39 -15.69 -21.60
N LYS H 8 -11.15 -16.75 -21.33
CA LYS H 8 -12.61 -16.72 -21.45
C LYS H 8 -13.26 -15.68 -20.54
N GLU H 9 -12.81 -15.57 -19.28
CA GLU H 9 -13.37 -14.60 -18.34
C GLU H 9 -13.07 -13.17 -18.79
N SER H 10 -11.87 -12.92 -19.33
CA SER H 10 -11.46 -11.62 -19.86
C SER H 10 -12.28 -11.25 -21.09
N GLN H 11 -12.52 -12.21 -22.00
CA GLN H 11 -13.35 -11.94 -23.17
C GLN H 11 -14.81 -11.62 -22.77
N ALA H 12 -15.32 -12.31 -21.73
CA ALA H 12 -16.67 -12.05 -21.23
C ALA H 12 -16.74 -10.65 -20.59
N GLU H 13 -15.75 -10.26 -19.77
CA GLU H 13 -15.75 -8.94 -19.15
C GLU H 13 -15.53 -7.82 -20.18
N LEU H 14 -14.77 -8.09 -21.24
CA LEU H 14 -14.56 -7.13 -22.31
C LEU H 14 -15.84 -6.98 -23.13
N GLN H 15 -16.54 -8.09 -23.40
CA GLN H 15 -17.81 -8.08 -24.12
C GLN H 15 -18.90 -7.36 -23.31
N LEU H 16 -18.92 -7.52 -21.98
CA LEU H 16 -19.88 -6.84 -21.11
C LEU H 16 -19.62 -5.33 -21.15
N PHE H 17 -18.33 -4.93 -21.13
CA PHE H 17 -17.93 -3.53 -21.17
C PHE H 17 -18.33 -2.91 -22.51
N GLN H 18 -17.98 -3.56 -23.64
CA GLN H 18 -18.34 -3.07 -24.97
C GLN H 18 -19.85 -2.92 -25.12
N ASN H 19 -20.62 -3.86 -24.52
CA ASN H 19 -22.08 -3.82 -24.55
C ASN H 19 -22.63 -2.62 -23.77
N GLU H 20 -22.00 -2.30 -22.62
CA GLU H 20 -22.36 -1.16 -21.78
C GLU H 20 -22.09 0.15 -22.49
N ILE H 21 -20.96 0.26 -23.21
CA ILE H 21 -20.58 1.43 -23.96
C ILE H 21 -21.61 1.66 -25.06
N ASN H 22 -21.99 0.60 -25.79
CA ASN H 22 -22.97 0.73 -26.87
C ASN H 22 -24.39 1.02 -26.35
N ALA H 23 -24.72 0.57 -25.14
CA ALA H 23 -26.04 0.81 -24.58
C ALA H 23 -26.16 2.22 -23.97
N ALA H 24 -25.08 2.73 -23.35
CA ALA H 24 -25.12 4.05 -22.74
C ALA H 24 -24.68 5.18 -23.64
N ASN H 25 -23.74 4.91 -24.56
CA ASN H 25 -23.09 5.88 -25.48
C ASN H 25 -22.69 7.14 -24.71
N PRO H 26 -21.79 6.97 -23.74
CA PRO H 26 -21.43 8.11 -22.88
C PRO H 26 -20.83 9.30 -23.59
N SER H 27 -21.17 10.51 -23.12
CA SER H 27 -20.56 11.73 -23.65
C SER H 27 -19.12 11.88 -23.13
N ASP H 28 -18.78 11.21 -22.01
CA ASP H 28 -17.45 11.19 -21.45
C ASP H 28 -17.07 9.69 -21.35
N PHE H 29 -16.46 9.16 -22.40
CA PHE H 29 -16.07 7.77 -22.47
C PHE H 29 -15.13 7.36 -21.32
N LEU H 30 -14.06 8.13 -21.06
CA LEU H 30 -13.12 7.80 -20.00
C LEU H 30 -13.75 7.77 -18.61
N GLN H 31 -14.61 8.75 -18.29
CA GLN H 31 -15.28 8.80 -16.99
C GLN H 31 -16.25 7.63 -16.83
N PHE H 32 -17.01 7.32 -17.87
CA PHE H 32 -17.94 6.21 -17.84
C PHE H 32 -17.19 4.87 -17.65
N SER H 33 -16.08 4.70 -18.37
CA SER H 33 -15.29 3.48 -18.31
C SER H 33 -14.63 3.28 -16.98
N ALA H 34 -14.08 4.36 -16.38
CA ALA H 34 -13.47 4.27 -15.06
C ALA H 34 -14.54 3.93 -14.02
N ASN H 35 -15.73 4.56 -14.11
CA ASN H 35 -16.83 4.30 -13.19
C ASN H 35 -17.27 2.87 -13.29
N TYR H 36 -17.35 2.33 -14.53
CA TYR H 36 -17.76 0.96 -14.79
C TYR H 36 -16.82 -0.06 -14.14
N PHE H 37 -15.52 0.06 -14.38
CA PHE H 37 -14.54 -0.89 -13.85
C PHE H 37 -14.37 -0.77 -12.34
N ASN H 38 -14.47 0.46 -11.80
CA ASN H 38 -14.39 0.66 -10.37
C ASN H 38 -15.62 0.02 -9.69
N LYS H 39 -16.79 0.07 -10.37
CA LYS H 39 -17.99 -0.51 -9.85
C LYS H 39 -17.95 -2.01 -9.98
N ARG H 40 -17.37 -2.59 -11.06
CA ARG H 40 -17.27 -4.04 -11.20
C ARG H 40 -16.38 -4.61 -10.09
N LEU H 41 -15.31 -3.88 -9.72
CA LEU H 41 -14.41 -4.25 -8.63
C LEU H 41 -15.14 -4.20 -7.30
N GLU H 42 -15.94 -3.14 -7.09
CA GLU H 42 -16.74 -2.93 -5.89
C GLU H 42 -17.71 -4.06 -5.73
N GLN H 43 -18.37 -4.49 -6.83
CA GLN H 43 -19.33 -5.60 -6.81
C GLN H 43 -18.67 -6.89 -6.42
N GLN H 44 -17.49 -7.21 -6.98
CA GLN H 44 -16.77 -8.43 -6.63
C GLN H 44 -16.23 -8.38 -5.20
N ARG H 45 -15.77 -7.20 -4.74
CA ARG H 45 -15.29 -7.06 -3.36
C ARG H 45 -16.39 -7.39 -2.33
N ALA H 46 -17.64 -6.94 -2.56
CA ALA H 46 -18.74 -7.19 -1.64
C ALA H 46 -19.03 -8.66 -1.50
N PHE H 47 -18.92 -9.41 -2.61
CA PHE H 47 -19.16 -10.82 -2.60
C PHE H 47 -18.03 -11.54 -1.90
N LEU H 48 -16.78 -11.15 -2.19
CA LEU H 48 -15.58 -11.75 -1.60
C LEU H 48 -15.46 -11.51 -0.09
N LYS H 49 -15.91 -10.34 0.41
CA LYS H 49 -15.89 -10.03 1.84
C LYS H 49 -16.98 -10.81 2.59
#